data_5WHG
#
_entry.id   5WHG
#
_cell.length_a   62.864
_cell.length_b   62.864
_cell.length_c   154.383
_cell.angle_alpha   90.000
_cell.angle_beta   90.000
_cell.angle_gamma   120.000
#
_symmetry.space_group_name_H-M   'P 32 2 1'
#
loop_
_entity.id
_entity.type
_entity.pdbx_description
1 polymer 'Protein VMS1'
2 non-polymer 'ZINC ION'
3 water water
#
_entity_poly.entity_id   1
_entity_poly.type   'polypeptide(L)'
_entity_poly.pdbx_seq_one_letter_code
;GA(MSE)G(MSE)NSQKASK(MSE)TGSLKKNDLYIFDLSEQLLNSLKL(MSE)SFDNV(MSE)RCSVCQ(MSE)SFDSR
NEQKAHYQTDYHL(MSE)NVKRNLRGLDILSVEEFDALISKEHGIKSEDENSGGEQTSSDHEESEEASDRDPDLQTNNY
(MSE)ETIIENDLQKLGFQKDESDAISHINTQSPYIYFKSKYLQKNEVLAIYKSLFNKRSLSNPNEALTFWNSQENP
(MSE)AISALF(MSE)VGGGHFAGAIVSHQRLNVKGNAHKKDETLIEQAVNFLEHKTFHRYTTRRKQGGSQSA(MSE)DN
AKGKANSAGSALRRYNESALKTDIQGVLKDWEPYLSKCDNIFIRARNVSDKKIFTDNTVLNKGDERIKSFPFTTNRPTVL
ELKKAWCELSYLKILPKPEPLAVKETVQKLEVSNKKD
;
_entity_poly.pdbx_strand_id   A
#
loop_
_chem_comp.id
_chem_comp.type
_chem_comp.name
_chem_comp.formula
ZN non-polymer 'ZINC ION' 'Zn 2'
#
# COMPACT_ATOMS: atom_id res chain seq x y z
N LEU A 17 16.61 -16.96 4.91
CA LEU A 17 15.61 -16.05 4.34
C LEU A 17 15.99 -14.59 4.52
N LYS A 18 16.53 -13.98 3.48
CA LYS A 18 16.84 -12.55 3.53
C LYS A 18 15.57 -11.73 3.28
N LYS A 19 15.60 -10.47 3.73
CA LYS A 19 14.40 -9.64 3.58
C LYS A 19 13.98 -9.52 2.13
N ASN A 20 14.94 -9.55 1.20
CA ASN A 20 14.62 -9.48 -0.22
C ASN A 20 13.71 -10.61 -0.66
N ASP A 21 13.73 -11.74 0.06
CA ASP A 21 12.93 -12.91 -0.28
C ASP A 21 11.57 -12.91 0.43
N LEU A 22 11.14 -11.76 0.95
CA LEU A 22 10.01 -11.69 1.87
C LEU A 22 8.99 -10.65 1.44
N TYR A 23 9.17 -10.03 0.28
CA TYR A 23 8.20 -9.05 -0.19
C TYR A 23 6.90 -9.75 -0.56
N ILE A 24 5.81 -9.34 0.11
CA ILE A 24 4.53 -10.03 -0.01
C ILE A 24 4.00 -10.08 -1.45
N PHE A 25 4.41 -9.16 -2.32
CA PHE A 25 3.90 -9.12 -3.68
C PHE A 25 4.88 -9.70 -4.71
N ASP A 26 5.91 -10.43 -4.24
CA ASP A 26 6.95 -10.93 -5.11
C ASP A 26 7.65 -12.14 -4.47
N LEU A 27 6.87 -13.01 -3.82
CA LEU A 27 7.41 -14.19 -3.18
C LEU A 27 7.62 -15.31 -4.20
N SER A 28 8.76 -15.98 -4.09
CA SER A 28 9.07 -17.13 -4.92
C SER A 28 8.06 -18.26 -4.70
N GLU A 29 7.93 -19.13 -5.71
CA GLU A 29 6.95 -20.20 -5.63
C GLU A 29 7.31 -21.20 -4.53
N GLN A 30 8.61 -21.42 -4.29
CA GLN A 30 9.04 -22.33 -3.23
C GLN A 30 8.54 -21.84 -1.87
N LEU A 31 8.80 -20.57 -1.56
CA LEU A 31 8.34 -20.02 -0.28
C LEU A 31 6.82 -19.97 -0.21
N LEU A 32 6.15 -19.66 -1.32
CA LEU A 32 4.69 -19.55 -1.33
C LEU A 32 4.04 -20.89 -0.98
N ASN A 33 4.34 -21.93 -1.78
CA ASN A 33 3.75 -23.26 -1.61
C ASN A 33 4.13 -23.91 -0.29
N SER A 34 5.10 -23.37 0.44
CA SER A 34 5.41 -23.88 1.77
C SER A 34 4.54 -23.24 2.85
N LEU A 35 4.11 -21.99 2.67
CA LEU A 35 3.31 -21.28 3.68
C LEU A 35 2.09 -22.09 4.12
N LYS A 36 1.93 -22.23 5.43
CA LYS A 36 0.83 -22.98 6.04
C LYS A 36 0.22 -22.13 7.15
N LEU A 37 -1.11 -21.91 7.08
CA LEU A 37 -1.77 -20.97 7.97
C LEU A 37 -1.96 -21.56 9.37
N MSE A 38 -1.58 -20.79 10.38
CA MSE A 38 -1.79 -21.17 11.77
C MSE A 38 -3.21 -20.86 12.30
O MSE A 38 -3.73 -19.77 12.10
CB MSE A 38 -0.78 -20.48 12.66
CG MSE A 38 -1.03 -20.69 14.12
SE MSE A 38 0.45 -20.11 15.21
CE MSE A 38 1.90 -20.98 14.24
N SER A 39 -3.81 -21.83 13.00
CA SER A 39 -5.09 -21.62 13.67
C SER A 39 -5.16 -22.38 15.00
N CYS A 46 2.47 -9.06 -21.15
CA CYS A 46 2.01 -7.80 -20.57
C CYS A 46 0.68 -7.32 -21.15
N SER A 47 -0.31 -7.18 -20.27
CA SER A 47 -1.66 -6.88 -20.72
C SER A 47 -1.87 -5.39 -20.97
N VAL A 48 -1.15 -4.55 -20.21
CA VAL A 48 -1.34 -3.11 -20.34
C VAL A 48 -0.56 -2.51 -21.51
N CYS A 49 0.42 -3.25 -22.04
CA CYS A 49 1.17 -2.82 -23.21
C CYS A 49 0.76 -3.55 -24.48
N GLN A 50 -0.04 -4.61 -24.39
CA GLN A 50 -0.37 -5.48 -25.52
C GLN A 50 0.89 -6.03 -26.18
N MSE A 51 1.86 -6.43 -25.35
CA MSE A 51 3.20 -6.78 -25.80
C MSE A 51 3.77 -8.04 -25.10
O MSE A 51 4.03 -8.04 -23.90
CB MSE A 51 4.13 -5.59 -25.58
CG MSE A 51 5.62 -5.82 -25.73
SE MSE A 51 6.55 -4.23 -25.10
CE MSE A 51 8.27 -5.00 -24.60
N SER A 52 3.94 -9.11 -25.90
CA SER A 52 4.46 -10.38 -25.38
C SER A 52 5.94 -10.58 -25.73
N HIS A 62 10.74 -7.21 -18.90
CA HIS A 62 9.94 -6.03 -19.20
C HIS A 62 8.98 -5.73 -18.07
N TYR A 63 9.50 -5.28 -16.93
CA TYR A 63 8.59 -4.98 -15.83
C TYR A 63 9.17 -3.88 -14.95
N GLN A 64 10.48 -3.68 -15.07
CA GLN A 64 11.15 -2.53 -14.50
C GLN A 64 11.51 -1.50 -15.56
N THR A 65 11.19 -1.77 -16.82
CA THR A 65 11.38 -0.78 -17.88
C THR A 65 10.51 0.45 -17.62
N ASP A 66 11.04 1.62 -17.98
CA ASP A 66 10.25 2.83 -17.83
C ASP A 66 9.06 2.85 -18.77
N TYR A 67 9.08 2.02 -19.83
CA TYR A 67 7.93 1.95 -20.74
C TYR A 67 6.72 1.35 -20.03
N HIS A 68 6.88 0.14 -19.47
CA HIS A 68 5.82 -0.49 -18.71
C HIS A 68 5.25 0.43 -17.64
N LEU A 69 6.09 1.27 -17.03
CA LEU A 69 5.60 2.08 -15.92
C LEU A 69 4.65 3.18 -16.40
N MSE A 70 4.97 3.81 -17.53
CA MSE A 70 4.11 4.88 -18.03
C MSE A 70 2.78 4.32 -18.52
O MSE A 70 1.73 4.94 -18.36
CB MSE A 70 4.82 5.65 -19.13
CG MSE A 70 6.18 6.17 -18.73
SE MSE A 70 7.19 6.99 -20.20
CE MSE A 70 6.28 8.71 -20.23
N ASN A 71 2.82 3.12 -19.12
CA ASN A 71 1.60 2.49 -19.59
C ASN A 71 0.71 2.07 -18.42
N VAL A 72 1.32 1.55 -17.34
CA VAL A 72 0.59 1.34 -16.10
C VAL A 72 -0.03 2.65 -15.64
N LYS A 73 0.80 3.69 -15.56
CA LYS A 73 0.33 5.02 -15.17
C LYS A 73 -0.79 5.50 -16.10
N ARG A 74 -0.56 5.43 -17.41
CA ARG A 74 -1.58 5.88 -18.36
C ARG A 74 -2.90 5.16 -18.14
N ASN A 75 -2.86 3.86 -17.87
CA ASN A 75 -4.12 3.11 -17.82
C ASN A 75 -4.81 3.25 -16.48
N LEU A 76 -4.04 3.26 -15.38
CA LEU A 76 -4.61 3.58 -14.07
C LEU A 76 -5.29 4.94 -14.10
N ARG A 77 -4.64 5.94 -14.69
CA ARG A 77 -5.13 7.30 -14.81
C ARG A 77 -6.24 7.45 -15.85
N GLY A 78 -6.65 6.36 -16.51
CA GLY A 78 -7.73 6.42 -17.48
C GLY A 78 -7.35 5.94 -18.87
N SER A 160 -4.82 -9.62 18.16
CA SER A 160 -3.54 -9.58 17.45
C SER A 160 -3.66 -9.00 16.03
N PRO A 161 -2.71 -8.13 15.67
CA PRO A 161 -2.74 -7.48 14.35
C PRO A 161 -2.27 -8.34 13.20
N TYR A 162 -1.73 -9.53 13.47
CA TYR A 162 -1.06 -10.33 12.45
C TYR A 162 -1.81 -11.61 12.12
N ILE A 163 -1.40 -12.20 11.00
CA ILE A 163 -1.74 -13.55 10.60
C ILE A 163 -0.42 -14.28 10.40
N TYR A 164 -0.38 -15.57 10.78
CA TYR A 164 0.88 -16.32 10.87
C TYR A 164 0.89 -17.52 9.92
N PHE A 165 2.07 -17.80 9.39
CA PHE A 165 2.33 -19.01 8.62
C PHE A 165 3.55 -19.74 9.18
N LYS A 166 3.65 -21.03 8.85
CA LYS A 166 4.79 -21.84 9.26
C LYS A 166 5.55 -22.37 8.05
N SER A 167 6.87 -22.61 8.22
CA SER A 167 7.74 -23.05 7.13
C SER A 167 9.18 -23.40 7.54
N LYS A 168 10.08 -22.40 7.61
CA LYS A 168 11.54 -22.59 7.71
C LYS A 168 12.10 -21.93 8.96
N TYR A 169 12.33 -22.73 10.00
CA TYR A 169 12.92 -22.26 11.26
C TYR A 169 14.36 -21.75 11.06
N VAL A 175 8.25 -18.79 11.94
CA VAL A 175 6.89 -18.23 11.91
C VAL A 175 6.83 -16.89 11.20
N LEU A 176 6.24 -16.86 10.02
CA LEU A 176 6.15 -15.64 9.23
C LEU A 176 4.83 -14.95 9.49
N ALA A 177 4.90 -13.65 9.76
CA ALA A 177 3.75 -12.84 10.14
C ALA A 177 3.46 -11.80 9.06
N ILE A 178 2.17 -11.55 8.81
CA ILE A 178 1.70 -10.55 7.85
C ILE A 178 0.55 -9.78 8.49
N TYR A 179 0.46 -8.47 8.21
CA TYR A 179 -0.54 -7.62 8.83
C TYR A 179 -1.95 -7.94 8.33
N LYS A 180 -2.89 -8.11 9.27
CA LYS A 180 -4.28 -8.39 8.90
C LYS A 180 -4.89 -7.28 8.06
N SER A 181 -4.47 -6.03 8.31
CA SER A 181 -4.96 -4.88 7.56
C SER A 181 -4.77 -5.02 6.05
N LEU A 182 -3.78 -5.83 5.61
CA LEU A 182 -3.51 -5.95 4.18
C LEU A 182 -4.60 -6.71 3.45
N PHE A 183 -5.36 -7.54 4.16
CA PHE A 183 -6.39 -8.36 3.56
C PHE A 183 -7.74 -7.65 3.49
N ASN A 184 -8.60 -8.19 2.64
CA ASN A 184 -9.94 -7.70 2.44
C ASN A 184 -10.86 -8.49 3.37
N LYS A 185 -11.58 -7.78 4.26
CA LYS A 185 -12.38 -8.47 5.27
C LYS A 185 -13.60 -9.16 4.64
N ARG A 186 -14.19 -8.55 3.62
CA ARG A 186 -15.39 -9.14 3.02
C ARG A 186 -15.08 -10.22 1.99
N SER A 187 -13.85 -10.73 2.02
CA SER A 187 -13.39 -11.69 1.02
C SER A 187 -13.65 -13.12 1.48
N LEU A 188 -14.13 -13.94 0.55
CA LEU A 188 -14.38 -15.35 0.80
C LEU A 188 -13.12 -16.19 0.64
N SER A 189 -12.10 -15.65 -0.03
CA SER A 189 -10.81 -16.30 -0.14
C SER A 189 -10.13 -16.38 1.22
N ASN A 190 -9.26 -17.41 1.39
CA ASN A 190 -8.45 -17.55 2.59
C ASN A 190 -7.10 -16.91 2.36
N PRO A 191 -6.32 -16.65 3.42
CA PRO A 191 -5.05 -15.91 3.24
C PRO A 191 -4.04 -16.54 2.28
N ASN A 192 -3.96 -17.88 2.19
CA ASN A 192 -3.09 -18.48 1.17
C ASN A 192 -3.57 -18.11 -0.22
N GLU A 193 -4.88 -18.14 -0.43
CA GLU A 193 -5.43 -17.76 -1.73
C GLU A 193 -5.12 -16.32 -2.06
N ALA A 194 -5.14 -15.44 -1.05
CA ALA A 194 -4.78 -14.04 -1.29
C ALA A 194 -3.32 -13.92 -1.71
N LEU A 195 -2.41 -14.56 -0.94
CA LEU A 195 -0.99 -14.49 -1.23
C LEU A 195 -0.67 -15.00 -2.63
N THR A 196 -1.30 -16.09 -3.07
CA THR A 196 -0.96 -16.60 -4.39
C THR A 196 -1.48 -15.66 -5.48
N PHE A 197 -2.64 -15.03 -5.27
CA PHE A 197 -3.14 -14.07 -6.25
C PHE A 197 -2.26 -12.82 -6.32
N TRP A 198 -1.75 -12.37 -5.17
CA TRP A 198 -0.81 -11.26 -5.14
C TRP A 198 0.45 -11.58 -5.94
N ASN A 199 0.92 -12.83 -5.86
CA ASN A 199 2.16 -13.23 -6.54
C ASN A 199 1.81 -13.92 -7.85
N SER A 200 1.35 -13.10 -8.80
CA SER A 200 1.08 -13.57 -10.15
C SER A 200 1.07 -12.36 -11.07
N GLN A 201 1.72 -12.50 -12.22
CA GLN A 201 1.85 -11.37 -13.15
C GLN A 201 0.50 -10.80 -13.56
N GLU A 202 -0.60 -11.51 -13.29
CA GLU A 202 -1.94 -11.08 -13.67
C GLU A 202 -2.46 -9.91 -12.84
N ASN A 203 -1.66 -9.30 -11.96
CA ASN A 203 -2.09 -8.10 -11.24
C ASN A 203 -1.00 -7.03 -11.32
N PRO A 204 -0.70 -6.55 -12.54
CA PRO A 204 0.41 -5.62 -12.70
C PRO A 204 0.05 -4.19 -12.30
N MSE A 205 -1.22 -3.86 -12.17
CA MSE A 205 -1.62 -2.51 -11.83
C MSE A 205 -2.15 -2.45 -10.40
O MSE A 205 -2.89 -1.53 -10.03
CB MSE A 205 -2.67 -1.98 -12.81
CG MSE A 205 -2.37 -2.30 -14.25
SE MSE A 205 -3.29 -1.05 -15.43
CE MSE A 205 -5.16 -1.41 -14.93
N ALA A 206 -1.78 -3.46 -9.62
CA ALA A 206 -2.04 -3.41 -8.19
C ALA A 206 -1.43 -2.14 -7.62
N ILE A 207 -2.28 -1.32 -6.98
CA ILE A 207 -1.82 -0.12 -6.27
C ILE A 207 -2.56 -0.01 -4.95
N SER A 208 -1.92 0.69 -4.00
CA SER A 208 -2.55 1.12 -2.75
C SER A 208 -2.25 2.59 -2.55
N ALA A 209 -3.07 3.23 -1.70
CA ALA A 209 -2.82 4.64 -1.37
C ALA A 209 -2.31 4.78 0.07
N LEU A 210 -1.53 5.84 0.32
CA LEU A 210 -0.98 6.12 1.64
C LEU A 210 -1.11 7.60 1.96
N PHE A 211 -1.71 7.91 3.12
CA PHE A 211 -2.00 9.26 3.56
C PHE A 211 -1.68 9.41 5.05
N MSE A 212 -0.90 10.41 5.39
CA MSE A 212 -0.74 10.84 6.77
C MSE A 212 -0.90 12.35 6.89
O MSE A 212 -0.33 13.09 6.11
CB MSE A 212 0.63 10.46 7.32
CG MSE A 212 0.99 9.01 7.22
SE MSE A 212 2.88 8.81 7.69
CE MSE A 212 3.16 6.99 7.07
N VAL A 213 -1.65 12.80 7.90
CA VAL A 213 -1.82 14.22 8.17
C VAL A 213 -1.67 14.42 9.65
N GLY A 214 -1.13 15.57 10.04
CA GLY A 214 -1.07 15.90 11.44
C GLY A 214 -0.19 17.08 11.73
N GLY A 215 -0.65 17.95 12.62
CA GLY A 215 0.15 19.13 12.96
C GLY A 215 0.41 20.05 11.79
N GLY A 216 -0.51 20.13 10.84
CA GLY A 216 -0.36 21.02 9.72
C GLY A 216 0.42 20.42 8.56
N HIS A 217 0.96 19.22 8.74
CA HIS A 217 1.71 18.51 7.70
C HIS A 217 0.84 17.46 7.03
N PHE A 218 1.06 17.30 5.73
CA PHE A 218 0.43 16.26 4.93
C PHE A 218 1.50 15.58 4.09
N ALA A 219 1.36 14.26 3.93
CA ALA A 219 2.06 13.49 2.92
C ALA A 219 1.10 12.42 2.38
N GLY A 220 0.97 12.35 1.06
CA GLY A 220 0.23 11.28 0.43
C GLY A 220 1.02 10.67 -0.71
N ALA A 221 0.68 9.42 -1.03
CA ALA A 221 1.30 8.75 -2.17
C ALA A 221 0.37 7.67 -2.72
N ILE A 222 0.49 7.41 -4.02
CA ILE A 222 -0.07 6.22 -4.67
C ILE A 222 1.10 5.26 -4.91
N VAL A 223 1.10 4.11 -4.23
CA VAL A 223 2.23 3.19 -4.27
C VAL A 223 1.88 2.01 -5.18
N SER A 224 2.79 1.66 -6.08
CA SER A 224 2.64 0.44 -6.86
C SER A 224 3.09 -0.77 -6.06
N HIS A 225 2.36 -1.87 -6.18
CA HIS A 225 2.78 -3.10 -5.53
C HIS A 225 4.01 -3.71 -6.17
N GLN A 226 4.39 -3.27 -7.37
CA GLN A 226 5.61 -3.77 -7.99
C GLN A 226 6.83 -3.05 -7.45
N ARG A 227 7.87 -3.82 -7.11
CA ARG A 227 9.12 -3.28 -6.61
C ARG A 227 10.04 -2.86 -7.76
N LEU A 228 11.26 -2.45 -7.43
CA LEU A 228 12.21 -1.95 -8.41
C LEU A 228 13.56 -2.65 -8.22
N ASN A 229 14.62 -2.01 -8.71
CA ASN A 229 16.00 -2.50 -8.59
C ASN A 229 16.40 -2.75 -7.14
N GLU A 239 18.86 6.55 1.40
CA GLU A 239 17.73 5.62 1.23
C GLU A 239 18.24 4.18 1.12
N THR A 240 17.80 3.33 2.04
CA THR A 240 18.20 1.92 2.01
C THR A 240 17.73 1.28 0.70
N LEU A 241 18.27 0.09 0.43
CA LEU A 241 17.89 -0.64 -0.78
C LEU A 241 16.42 -1.06 -0.74
N ILE A 242 15.92 -1.42 0.46
CA ILE A 242 14.52 -1.80 0.59
C ILE A 242 13.62 -0.60 0.32
N GLU A 243 13.98 0.58 0.86
CA GLU A 243 13.21 1.78 0.57
C GLU A 243 13.40 2.24 -0.87
N GLN A 244 14.58 2.04 -1.43
CA GLN A 244 14.83 2.51 -2.78
C GLN A 244 14.00 1.77 -3.83
N ALA A 245 13.36 0.67 -3.47
CA ALA A 245 12.59 -0.12 -4.42
C ALA A 245 11.10 0.18 -4.36
N VAL A 246 10.67 1.04 -3.43
CA VAL A 246 9.27 1.45 -3.36
C VAL A 246 8.97 2.35 -4.56
N ASN A 247 7.96 1.99 -5.33
CA ASN A 247 7.59 2.76 -6.52
C ASN A 247 6.34 3.60 -6.23
N PHE A 248 6.54 4.90 -6.02
CA PHE A 248 5.43 5.84 -5.80
C PHE A 248 5.03 6.42 -7.15
N LEU A 249 3.88 5.99 -7.66
CA LEU A 249 3.40 6.50 -8.94
C LEU A 249 3.09 7.99 -8.84
N GLU A 250 2.50 8.42 -7.72
CA GLU A 250 2.38 9.83 -7.39
C GLU A 250 2.74 10.03 -5.93
N HIS A 251 3.12 11.25 -5.59
CA HIS A 251 3.38 11.56 -4.18
C HIS A 251 3.35 13.07 -4.02
N LYS A 252 2.80 13.52 -2.90
CA LYS A 252 2.70 14.94 -2.59
C LYS A 252 2.95 15.13 -1.11
N THR A 253 3.61 16.24 -0.74
CA THR A 253 3.70 16.69 0.65
C THR A 253 3.67 18.21 0.69
N PHE A 254 2.79 18.77 1.52
CA PHE A 254 2.80 20.20 1.82
C PHE A 254 2.48 20.42 3.29
N HIS A 255 2.57 21.69 3.72
CA HIS A 255 2.29 22.09 5.10
C HIS A 255 1.54 23.41 5.15
N ARG A 256 0.65 23.53 6.12
CA ARG A 256 0.03 24.81 6.48
C ARG A 256 -0.08 24.93 7.99
N TYR A 257 0.40 26.06 8.52
CA TYR A 257 0.00 26.45 9.86
C TYR A 257 -1.51 26.64 9.92
N THR A 258 -2.07 26.59 11.13
CA THR A 258 -3.52 26.78 11.30
C THR A 258 -3.82 27.95 12.24
N SER A 290 -10.01 22.65 8.67
CA SER A 290 -8.81 23.47 8.56
C SER A 290 -8.65 24.03 7.14
N ALA A 291 -7.64 24.87 6.95
CA ALA A 291 -7.31 25.34 5.60
C ALA A 291 -6.54 24.28 4.82
N LEU A 292 -5.91 23.34 5.54
CA LEU A 292 -5.34 22.15 4.90
C LEU A 292 -6.41 21.36 4.12
N LYS A 293 -7.67 21.44 4.58
CA LYS A 293 -8.73 20.59 4.06
C LYS A 293 -8.93 20.74 2.55
N THR A 294 -8.93 21.98 2.04
CA THR A 294 -9.14 22.14 0.60
C THR A 294 -7.92 21.65 -0.18
N ASP A 295 -6.70 22.00 0.28
CA ASP A 295 -5.48 21.44 -0.30
C ASP A 295 -5.55 19.92 -0.43
N ILE A 296 -5.99 19.23 0.62
CA ILE A 296 -5.98 17.77 0.58
C ILE A 296 -7.11 17.26 -0.30
N GLN A 297 -8.29 17.88 -0.19
CA GLN A 297 -9.35 17.51 -1.10
C GLN A 297 -8.95 17.74 -2.55
N GLY A 298 -8.04 18.68 -2.80
CA GLY A 298 -7.50 18.83 -4.15
C GLY A 298 -6.66 17.65 -4.59
N VAL A 299 -5.80 17.14 -3.70
CA VAL A 299 -4.99 15.97 -4.04
C VAL A 299 -5.90 14.77 -4.27
N LEU A 300 -6.98 14.64 -3.49
CA LEU A 300 -7.83 13.46 -3.63
C LEU A 300 -8.56 13.46 -4.96
N LYS A 301 -9.16 14.61 -5.33
CA LYS A 301 -9.73 14.74 -6.66
C LYS A 301 -8.67 14.50 -7.73
N ASP A 302 -7.48 15.08 -7.56
CA ASP A 302 -6.44 14.89 -8.55
C ASP A 302 -6.10 13.42 -8.76
N TRP A 303 -6.20 12.60 -7.72
CA TRP A 303 -5.83 11.19 -7.79
C TRP A 303 -7.03 10.27 -7.87
N GLU A 304 -8.23 10.82 -8.08
CA GLU A 304 -9.46 10.05 -8.14
C GLU A 304 -9.36 8.79 -9.00
N PRO A 305 -8.80 8.81 -10.22
CA PRO A 305 -8.73 7.55 -10.98
C PRO A 305 -7.92 6.48 -10.28
N TYR A 306 -6.77 6.87 -9.71
CA TYR A 306 -5.95 5.97 -8.87
C TYR A 306 -6.74 5.44 -7.67
N LEU A 307 -7.43 6.33 -6.93
CA LEU A 307 -8.10 5.95 -5.68
C LEU A 307 -9.24 4.96 -5.91
N SER A 308 -9.92 5.03 -7.03
CA SER A 308 -11.01 4.09 -7.25
C SER A 308 -10.50 2.70 -7.62
N LYS A 309 -9.24 2.58 -8.04
CA LYS A 309 -8.62 1.29 -8.31
C LYS A 309 -7.70 0.78 -7.19
N CYS A 310 -7.64 1.43 -6.03
CA CYS A 310 -6.71 0.99 -4.99
C CYS A 310 -7.26 -0.22 -4.24
N ASP A 311 -6.36 -1.16 -3.95
CA ASP A 311 -6.67 -2.25 -3.01
C ASP A 311 -7.05 -1.69 -1.65
N ASN A 312 -6.11 -0.97 -1.02
CA ASN A 312 -6.29 -0.38 0.28
C ASN A 312 -5.95 1.11 0.23
N ILE A 313 -6.62 1.86 1.10
CA ILE A 313 -6.29 3.26 1.33
C ILE A 313 -5.96 3.43 2.82
N PHE A 314 -4.67 3.50 3.15
CA PHE A 314 -4.20 3.65 4.53
C PHE A 314 -4.08 5.13 4.90
N ILE A 315 -4.76 5.52 5.99
CA ILE A 315 -4.81 6.91 6.42
C ILE A 315 -4.45 6.98 7.90
N ARG A 316 -3.53 7.87 8.25
CA ARG A 316 -3.33 8.25 9.65
C ARG A 316 -3.76 9.69 9.85
N ALA A 317 -4.75 9.89 10.71
CA ALA A 317 -5.22 11.22 11.11
C ALA A 317 -5.78 11.10 12.52
N ARG A 318 -4.93 11.32 13.53
CA ARG A 318 -5.35 11.18 14.91
C ARG A 318 -6.39 12.23 15.28
N ASN A 319 -6.17 13.48 14.86
CA ASN A 319 -7.17 14.52 15.06
C ASN A 319 -8.49 14.15 14.38
N VAL A 320 -9.60 14.41 15.06
CA VAL A 320 -10.90 14.01 14.55
C VAL A 320 -11.29 14.86 13.34
N SER A 321 -10.99 16.17 13.40
CA SER A 321 -11.22 17.03 12.24
C SER A 321 -10.31 16.68 11.08
N ASP A 322 -9.16 16.05 11.35
CA ASP A 322 -8.24 15.69 10.30
C ASP A 322 -8.68 14.40 9.60
N LYS A 323 -9.19 13.41 10.35
CA LYS A 323 -9.80 12.25 9.72
C LYS A 323 -11.00 12.66 8.87
N LYS A 324 -11.76 13.65 9.33
CA LYS A 324 -12.90 14.12 8.56
C LYS A 324 -12.48 14.73 7.22
N ILE A 325 -11.20 15.11 7.06
CA ILE A 325 -10.76 15.74 5.82
C ILE A 325 -10.87 14.78 4.64
N PHE A 326 -10.77 13.48 4.89
CA PHE A 326 -10.67 12.54 3.79
C PHE A 326 -12.02 12.04 3.30
N THR A 327 -13.11 12.33 4.03
CA THR A 327 -14.45 11.83 3.69
C THR A 327 -15.52 12.90 3.66
N ASP A 328 -15.28 14.07 4.24
CA ASP A 328 -16.22 15.18 4.20
C ASP A 328 -16.31 15.74 2.79
N ASN A 329 -17.25 15.23 1.99
CA ASN A 329 -17.58 15.82 0.69
C ASN A 329 -16.40 15.73 -0.30
N THR A 330 -15.79 14.55 -0.38
CA THR A 330 -14.64 14.36 -1.25
C THR A 330 -14.92 13.28 -2.30
N VAL A 331 -13.85 12.63 -2.81
CA VAL A 331 -14.05 11.47 -3.69
C VAL A 331 -13.97 10.15 -2.94
N LEU A 332 -13.62 10.16 -1.65
CA LEU A 332 -13.76 8.99 -0.80
C LEU A 332 -15.08 9.04 -0.05
N ASN A 333 -15.75 7.91 0.04
CA ASN A 333 -16.97 7.84 0.83
C ASN A 333 -16.65 7.26 2.21
N LYS A 334 -17.29 7.84 3.22
CA LYS A 334 -17.16 7.31 4.57
C LYS A 334 -17.74 5.90 4.61
N GLY A 335 -17.13 5.04 5.42
CA GLY A 335 -17.51 3.65 5.33
C GLY A 335 -17.13 3.01 4.01
N ASP A 336 -15.93 3.29 3.53
CA ASP A 336 -15.33 2.56 2.41
C ASP A 336 -14.35 1.57 3.04
N GLU A 337 -14.72 0.29 3.01
CA GLU A 337 -13.93 -0.81 3.58
C GLU A 337 -12.44 -0.69 3.32
N ARG A 338 -12.04 -0.21 2.13
CA ARG A 338 -10.63 -0.06 1.79
C ARG A 338 -9.90 0.91 2.71
N ILE A 339 -10.62 1.83 3.35
CA ILE A 339 -10.00 2.86 4.17
C ILE A 339 -9.66 2.27 5.53
N LYS A 340 -8.38 2.31 5.89
CA LYS A 340 -7.89 1.60 7.05
C LYS A 340 -6.81 2.39 7.76
N SER A 341 -6.77 2.26 9.08
CA SER A 341 -5.63 2.75 9.84
C SER A 341 -4.36 2.00 9.46
N PHE A 342 -3.23 2.65 9.75
CA PHE A 342 -1.96 1.94 9.79
C PHE A 342 -1.90 1.10 11.06
N PRO A 343 -1.63 -0.20 10.96
CA PRO A 343 -1.59 -1.03 12.18
C PRO A 343 -0.33 -0.85 13.03
N PHE A 344 0.30 0.32 12.96
CA PHE A 344 1.48 0.60 13.75
C PHE A 344 1.65 2.11 13.82
N THR A 345 2.27 2.59 14.89
CA THR A 345 2.50 4.02 14.99
C THR A 345 3.43 4.49 13.88
N THR A 346 3.30 5.77 13.54
CA THR A 346 4.06 6.38 12.47
C THR A 346 4.45 7.78 12.87
N ASN A 347 5.46 8.32 12.18
CA ASN A 347 6.12 9.57 12.59
C ASN A 347 5.49 10.82 12.00
N ARG A 348 6.32 11.73 11.48
CA ARG A 348 5.78 12.92 10.88
C ARG A 348 5.35 12.60 9.44
N PRO A 349 4.39 13.31 8.90
CA PRO A 349 4.05 13.08 7.49
C PRO A 349 5.14 13.61 6.57
N THR A 350 5.96 12.71 6.05
CA THR A 350 6.89 13.00 4.97
C THR A 350 6.85 11.85 3.99
N VAL A 351 7.40 12.08 2.79
CA VAL A 351 7.44 11.02 1.80
C VAL A 351 8.24 9.83 2.33
N LEU A 352 9.40 10.10 2.94
CA LEU A 352 10.20 8.99 3.42
C LEU A 352 9.42 8.19 4.45
N GLU A 353 8.63 8.86 5.28
CA GLU A 353 7.82 8.16 6.28
C GLU A 353 6.73 7.31 5.61
N LEU A 354 6.16 7.77 4.49
CA LEU A 354 5.25 6.94 3.72
C LEU A 354 5.93 5.67 3.23
N LYS A 355 7.22 5.77 2.83
CA LYS A 355 7.96 4.59 2.39
C LYS A 355 8.27 3.67 3.56
N LYS A 356 8.63 4.24 4.72
CA LYS A 356 8.82 3.43 5.91
C LYS A 356 7.58 2.61 6.20
N ALA A 357 6.42 3.29 6.23
CA ALA A 357 5.15 2.62 6.48
C ALA A 357 4.92 1.51 5.46
N TRP A 358 5.16 1.80 4.17
CA TRP A 358 4.91 0.79 3.14
C TRP A 358 5.81 -0.43 3.33
N CYS A 359 7.11 -0.21 3.55
CA CYS A 359 7.99 -1.36 3.75
C CYS A 359 7.57 -2.15 4.98
N GLU A 360 7.09 -1.46 6.01
CA GLU A 360 6.56 -2.12 7.21
C GLU A 360 5.29 -2.94 6.94
N LEU A 361 4.48 -2.58 5.94
CA LEU A 361 3.30 -3.38 5.63
C LEU A 361 3.55 -4.49 4.61
N SER A 362 4.56 -4.34 3.77
CA SER A 362 4.65 -5.15 2.56
C SER A 362 5.70 -6.26 2.63
N TYR A 363 6.38 -6.42 3.77
CA TYR A 363 7.36 -7.49 3.94
C TYR A 363 6.92 -8.38 5.09
N LEU A 364 7.03 -9.70 4.90
CA LEU A 364 6.72 -10.60 5.99
C LEU A 364 7.68 -10.37 7.15
N LYS A 365 7.20 -10.62 8.37
CA LYS A 365 8.05 -10.53 9.55
C LYS A 365 8.28 -11.91 10.15
N ILE A 366 9.50 -12.15 10.64
CA ILE A 366 9.83 -13.38 11.33
C ILE A 366 9.66 -13.14 12.83
N LEU A 367 8.73 -13.86 13.44
CA LEU A 367 8.43 -13.72 14.87
C LEU A 367 8.48 -15.08 15.55
N PRO A 368 8.54 -15.10 16.87
CA PRO A 368 8.36 -16.37 17.60
C PRO A 368 6.90 -16.78 17.65
N LYS A 369 6.68 -18.09 17.44
CA LYS A 369 5.36 -18.76 17.46
C LYS A 369 4.18 -17.97 18.05
ZN ZN B . 4.10 -3.54 -19.68
#